data_7CTD
#
_entry.id   7CTD
#
_cell.length_a   72.690
_cell.length_b   80.950
_cell.length_c   88.380
_cell.angle_alpha   90.000
_cell.angle_beta   103.440
_cell.angle_gamma   90.000
#
_symmetry.space_group_name_H-M   'C 1 2 1'
#
loop_
_entity.id
_entity.type
_entity.pdbx_description
1 polymer 'Alpha-glucosidase, putative'
2 water water
#
_entity_poly.entity_id   1
_entity_poly.type   'polypeptide(L)'
_entity_poly.pdbx_seq_one_letter_code
;MGSDKIHHHHHHMKISIIGAGSVRFALQLVGDIAQTEELSREDTHIYMMDVHERRLNASYILARKYVEELNSPVKIVKTS
SLDEAIDGADFIINTAYPYDPRYHDSGSQRWDEVTKVGEKHGYYRGIDSQELNMVSTYTYVLSSYPDMKLALEIAEKMKK
MAPKAYLMQTANPVFEITQAVRRWTGANIVGFCHGVAGVYEVFEKLDLDPEEVDWQVAGVNHGIWLNRFRYRGEDAYPLL
DEWIEKKLPEWEPKNPWDTQMSPAAMDMYKFYGMLPIGDTVRNGSWKYHYNLETKKKWFGKFGGIDNEVERPKFHEQLRR
ARERLIKLAEEVQQNPGMKLTEEHPEIFPKGKLSGEQHIPFINAIANNKRVRLFLNVENQGTLKDFPDDVVMELPVWVDC
CGIHREKVEPDLTHRIKIFYLWPRILRMEWNLEAYISRDRKVLEEILIRDPRTKSYEQIVQVLDEIFNLPFNEELRRYYK
EKL
;
_entity_poly.pdbx_strand_id   A
#
# COMPACT_ATOMS: atom_id res chain seq x y z
N HIS A 12 -13.67 -22.69 14.44
CA HIS A 12 -12.80 -21.58 14.92
C HIS A 12 -12.65 -20.49 13.85
N MET A 13 -11.84 -19.48 14.17
CA MET A 13 -11.57 -18.36 13.27
C MET A 13 -10.06 -18.27 13.09
N LYS A 14 -9.59 -18.45 11.87
CA LYS A 14 -8.17 -18.48 11.56
C LYS A 14 -7.80 -17.26 10.70
N ILE A 15 -6.94 -16.41 11.24
CA ILE A 15 -6.45 -15.22 10.57
C ILE A 15 -4.94 -15.35 10.41
N SER A 16 -4.46 -15.39 9.17
CA SER A 16 -3.06 -15.63 8.89
C SER A 16 -2.39 -14.38 8.35
N ILE A 17 -1.28 -13.98 8.97
CA ILE A 17 -0.48 -12.84 8.54
C ILE A 17 0.73 -13.40 7.81
N ILE A 18 0.74 -13.28 6.49
CA ILE A 18 1.85 -13.72 5.66
C ILE A 18 2.83 -12.57 5.56
N GLY A 19 4.07 -12.79 6.01
CA GLY A 19 5.01 -11.71 6.17
C GLY A 19 4.99 -11.10 7.55
N ALA A 20 4.64 -11.89 8.56
CA ALA A 20 4.59 -11.39 9.93
C ALA A 20 5.94 -10.87 10.41
N GLY A 21 7.02 -11.14 9.69
CA GLY A 21 8.29 -10.50 9.99
C GLY A 21 8.21 -8.98 9.97
N SER A 22 7.24 -8.43 9.25
CA SER A 22 6.95 -7.00 9.29
C SER A 22 6.37 -6.69 10.67
N VAL A 23 7.27 -6.47 11.63
CA VAL A 23 6.90 -6.53 13.04
C VAL A 23 5.83 -5.50 13.38
N ARG A 24 6.11 -4.22 13.09
CA ARG A 24 5.21 -3.17 13.56
C ARG A 24 3.81 -3.33 12.98
N PHE A 25 3.70 -3.75 11.72
CA PHE A 25 2.38 -3.97 11.14
C PHE A 25 1.70 -5.18 11.76
N ALA A 26 2.46 -6.26 11.98
CA ALA A 26 1.90 -7.43 12.64
C ALA A 26 1.33 -7.07 14.00
N LEU A 27 2.09 -6.31 14.79
CA LEU A 27 1.63 -5.93 16.12
C LEU A 27 0.39 -5.06 16.05
N GLN A 28 0.32 -4.17 15.05
CA GLN A 28 -0.90 -3.39 14.84
C GLN A 28 -2.09 -4.31 14.58
N LEU A 29 -1.90 -5.30 13.70
CA LEU A 29 -2.98 -6.24 13.41
C LEU A 29 -3.39 -7.01 14.66
N VAL A 30 -2.42 -7.48 15.44
CA VAL A 30 -2.73 -8.23 16.66
C VAL A 30 -3.42 -7.32 17.68
N GLY A 31 -2.93 -6.09 17.83
CA GLY A 31 -3.53 -5.18 18.79
C GLY A 31 -5.00 -4.90 18.49
N ASP A 32 -5.32 -4.69 17.21
CA ASP A 32 -6.71 -4.41 16.83
C ASP A 32 -7.60 -5.62 17.05
N ILE A 33 -7.09 -6.82 16.77
CA ILE A 33 -7.88 -8.02 16.97
C ILE A 33 -8.19 -8.21 18.45
N ALA A 34 -7.17 -8.07 19.31
CA ALA A 34 -7.36 -8.27 20.74
C ALA A 34 -8.26 -7.22 21.35
N GLN A 35 -8.37 -6.03 20.73
CA GLN A 35 -9.22 -4.96 21.24
C GLN A 35 -10.57 -4.90 20.53
N THR A 36 -10.92 -5.92 19.74
CA THR A 36 -12.20 -6.01 19.04
C THR A 36 -13.02 -7.09 19.73
N GLU A 37 -14.13 -6.69 20.35
CA GLU A 37 -14.90 -7.60 21.19
C GLU A 37 -15.25 -8.89 20.44
N GLU A 38 -15.88 -8.75 19.27
CA GLU A 38 -16.37 -9.92 18.54
C GLU A 38 -15.26 -10.84 18.05
N LEU A 39 -14.01 -10.42 18.10
CA LEU A 39 -12.90 -11.23 17.60
C LEU A 39 -11.96 -11.72 18.71
N SER A 40 -11.89 -11.01 19.84
CA SER A 40 -11.01 -11.39 20.94
C SER A 40 -11.67 -12.57 21.66
N ARG A 41 -11.52 -13.75 21.07
CA ARG A 41 -12.14 -14.96 21.57
C ARG A 41 -11.14 -16.10 21.48
N GLU A 42 -11.29 -17.08 22.39
CA GLU A 42 -10.42 -18.24 22.37
C GLU A 42 -10.48 -18.97 21.04
N ASP A 43 -11.60 -18.84 20.32
CA ASP A 43 -11.77 -19.46 19.02
C ASP A 43 -11.16 -18.65 17.88
N THR A 44 -10.42 -17.59 18.18
CA THR A 44 -9.70 -16.81 17.17
C THR A 44 -8.23 -17.19 17.22
N HIS A 45 -7.73 -17.77 16.12
CA HIS A 45 -6.34 -18.21 16.02
C HIS A 45 -5.61 -17.32 15.01
N ILE A 46 -4.53 -16.68 15.47
CA ILE A 46 -3.73 -15.80 14.63
C ILE A 46 -2.45 -16.55 14.25
N TYR A 47 -2.32 -16.89 12.97
CA TYR A 47 -1.13 -17.55 12.47
C TYR A 47 -0.18 -16.50 11.91
N MET A 48 1.03 -16.45 12.43
CA MET A 48 2.06 -15.51 11.99
C MET A 48 3.09 -16.30 11.20
N MET A 49 3.18 -16.01 9.91
CA MET A 49 4.00 -16.78 8.98
C MET A 49 5.01 -15.88 8.29
N ASP A 50 6.23 -16.38 8.15
CA ASP A 50 7.29 -15.66 7.45
C ASP A 50 8.45 -16.61 7.25
N VAL A 51 9.35 -16.24 6.34
CA VAL A 51 10.53 -17.05 6.03
C VAL A 51 11.79 -16.52 6.69
N HIS A 52 11.69 -15.46 7.49
CA HIS A 52 12.81 -14.89 8.21
C HIS A 52 12.58 -15.12 9.70
N GLU A 53 13.32 -16.07 10.29
CA GLU A 53 13.02 -16.51 11.65
C GLU A 53 13.33 -15.42 12.67
N ARG A 54 14.44 -14.70 12.50
CA ARG A 54 14.78 -13.65 13.46
C ARG A 54 13.66 -12.62 13.55
N ARG A 55 13.25 -12.06 12.40
CA ARG A 55 12.09 -11.19 12.37
C ARG A 55 10.86 -11.89 12.93
N LEU A 56 10.58 -13.10 12.45
CA LEU A 56 9.34 -13.79 12.84
C LEU A 56 9.32 -14.05 14.33
N ASN A 57 10.43 -14.56 14.88
CA ASN A 57 10.49 -14.82 16.32
C ASN A 57 10.21 -13.56 17.11
N ALA A 58 10.86 -12.45 16.76
CA ALA A 58 10.63 -11.19 17.47
C ALA A 58 9.16 -10.82 17.42
N SER A 59 8.52 -10.94 16.27
CA SER A 59 7.12 -10.58 16.15
C SER A 59 6.24 -11.50 16.98
N TYR A 60 6.58 -12.78 17.04
CA TYR A 60 5.78 -13.73 17.81
C TYR A 60 5.91 -13.48 19.30
N ILE A 61 7.12 -13.22 19.79
CA ILE A 61 7.31 -12.96 21.20
C ILE A 61 6.57 -11.69 21.62
N LEU A 62 6.74 -10.62 20.84
CA LEU A 62 6.08 -9.37 21.18
C LEU A 62 4.57 -9.49 21.08
N ALA A 63 4.07 -10.26 20.11
CA ALA A 63 2.63 -10.41 19.98
C ALA A 63 2.03 -11.16 21.17
N ARG A 64 2.70 -12.23 21.61
CA ARG A 64 2.20 -12.99 22.76
C ARG A 64 2.14 -12.12 24.01
N LYS A 65 3.23 -11.42 24.32
CA LYS A 65 3.24 -10.55 25.49
C LYS A 65 2.17 -9.47 25.39
N TYR A 66 2.03 -8.87 24.21
CA TYR A 66 1.03 -7.81 24.01
C TYR A 66 -0.37 -8.32 24.33
N VAL A 67 -0.71 -9.48 23.80
CA VAL A 67 -2.03 -10.06 24.06
C VAL A 67 -2.20 -10.34 25.54
N GLU A 68 -1.17 -10.87 26.20
CA GLU A 68 -1.28 -11.20 27.61
C GLU A 68 -1.57 -9.95 28.44
N GLU A 69 -0.91 -8.84 28.12
CA GLU A 69 -1.15 -7.59 28.85
C GLU A 69 -2.53 -7.01 28.54
N LEU A 70 -3.07 -7.31 27.36
CA LEU A 70 -4.43 -6.91 27.01
C LEU A 70 -5.48 -7.88 27.55
N ASN A 71 -5.06 -8.99 28.16
CA ASN A 71 -5.98 -9.99 28.69
C ASN A 71 -6.93 -10.47 27.61
N SER A 72 -6.40 -10.70 26.41
CA SER A 72 -7.16 -11.25 25.29
C SER A 72 -6.88 -12.74 25.16
N PRO A 73 -7.90 -13.59 25.04
CA PRO A 73 -7.66 -15.04 24.98
C PRO A 73 -7.31 -15.57 23.60
N VAL A 74 -7.00 -14.71 22.63
CA VAL A 74 -6.71 -15.20 21.28
C VAL A 74 -5.44 -16.04 21.32
N LYS A 75 -5.41 -17.07 20.47
CA LYS A 75 -4.25 -17.95 20.35
C LYS A 75 -3.40 -17.49 19.17
N ILE A 76 -2.09 -17.45 19.38
CA ILE A 76 -1.13 -17.00 18.38
C ILE A 76 -0.23 -18.17 18.02
N VAL A 77 -0.09 -18.43 16.72
CA VAL A 77 0.71 -19.54 16.23
C VAL A 77 1.76 -19.00 15.28
N LYS A 78 3.00 -19.47 15.44
CA LYS A 78 4.12 -19.10 14.59
C LYS A 78 4.46 -20.28 13.68
N THR A 79 4.73 -19.98 12.42
CA THR A 79 5.08 -21.04 11.48
C THR A 79 5.91 -20.45 10.34
N SER A 80 6.83 -21.26 9.83
CA SER A 80 7.60 -20.93 8.63
C SER A 80 7.04 -21.63 7.39
N SER A 81 5.88 -22.27 7.50
CA SER A 81 5.28 -23.01 6.40
C SER A 81 4.12 -22.20 5.84
N LEU A 82 4.24 -21.80 4.57
CA LEU A 82 3.15 -21.06 3.93
C LEU A 82 1.88 -21.91 3.86
N ASP A 83 2.02 -23.20 3.53
CA ASP A 83 0.87 -24.07 3.46
C ASP A 83 0.13 -24.12 4.80
N GLU A 84 0.86 -24.31 5.89
CA GLU A 84 0.21 -24.41 7.20
C GLU A 84 -0.60 -23.15 7.50
N ALA A 85 -0.06 -21.98 7.15
CA ALA A 85 -0.77 -20.73 7.42
C ALA A 85 -2.01 -20.60 6.55
N ILE A 86 -1.98 -21.13 5.33
CA ILE A 86 -3.11 -20.97 4.42
C ILE A 86 -4.20 -22.00 4.71
N ASP A 87 -3.81 -23.21 5.07
CA ASP A 87 -4.74 -24.31 5.27
C ASP A 87 -5.92 -23.94 6.15
N GLY A 88 -7.12 -23.92 5.56
CA GLY A 88 -8.31 -23.65 6.33
C GLY A 88 -8.43 -22.25 6.88
N ALA A 89 -7.67 -21.30 6.34
CA ALA A 89 -7.72 -19.94 6.83
C ALA A 89 -9.04 -19.28 6.42
N ASP A 90 -9.50 -18.36 7.27
CA ASP A 90 -10.66 -17.54 6.94
C ASP A 90 -10.25 -16.22 6.31
N PHE A 91 -9.08 -15.70 6.67
CA PHE A 91 -8.58 -14.46 6.09
C PHE A 91 -7.07 -14.56 6.02
N ILE A 92 -6.52 -14.25 4.85
CA ILE A 92 -5.10 -14.34 4.59
C ILE A 92 -4.60 -12.93 4.27
N ILE A 93 -3.81 -12.37 5.18
CA ILE A 93 -3.30 -11.01 5.03
C ILE A 93 -1.89 -11.11 4.47
N ASN A 94 -1.72 -10.71 3.21
CA ASN A 94 -0.42 -10.77 2.54
C ASN A 94 0.27 -9.43 2.72
N THR A 95 1.19 -9.36 3.67
CA THR A 95 2.06 -8.20 3.87
C THR A 95 3.52 -8.60 3.68
N ALA A 96 3.76 -9.63 2.88
CA ALA A 96 5.11 -10.13 2.66
C ALA A 96 5.82 -9.28 1.61
N TYR A 97 7.12 -9.07 1.81
CA TYR A 97 7.96 -8.30 0.89
C TYR A 97 9.20 -9.15 0.65
N PRO A 98 9.19 -10.02 -0.35
CA PRO A 98 10.27 -11.02 -0.48
C PRO A 98 11.63 -10.37 -0.67
N TYR A 99 12.64 -11.00 -0.08
CA TYR A 99 14.03 -10.58 -0.29
C TYR A 99 14.94 -11.74 0.08
N ASP A 100 16.03 -11.89 -0.67
CA ASP A 100 17.03 -12.90 -0.43
C ASP A 100 17.98 -12.46 0.68
N PRO A 101 17.94 -13.08 1.86
CA PRO A 101 18.77 -12.59 2.97
C PRO A 101 20.27 -12.66 2.71
N ARG A 102 20.70 -13.48 1.74
CA ARG A 102 22.12 -13.52 1.40
C ARG A 102 22.62 -12.17 0.90
N TYR A 103 21.72 -11.31 0.42
CA TYR A 103 22.10 -10.05 -0.18
C TYR A 103 21.50 -8.83 0.50
N HIS A 104 20.31 -8.93 1.09
CA HIS A 104 19.61 -7.77 1.61
C HIS A 104 19.05 -8.04 3.00
N ASP A 105 18.67 -6.96 3.67
CA ASP A 105 18.03 -7.03 4.98
C ASP A 105 16.52 -6.84 4.90
N SER A 106 16.02 -6.26 3.80
CA SER A 106 14.59 -6.10 3.60
C SER A 106 14.31 -6.00 2.11
N GLY A 107 13.03 -6.00 1.77
CA GLY A 107 12.64 -5.84 0.37
C GLY A 107 12.98 -4.47 -0.16
N SER A 108 12.81 -3.43 0.66
CA SER A 108 13.14 -2.08 0.21
C SER A 108 14.59 -1.96 -0.22
N GLN A 109 15.46 -2.86 0.26
CA GLN A 109 16.89 -2.76 -0.04
C GLN A 109 17.21 -3.25 -1.44
N ARG A 110 16.47 -4.24 -1.96
CA ARG A 110 16.66 -4.62 -3.36
C ARG A 110 16.05 -3.58 -4.29
N TRP A 111 14.99 -2.89 -3.85
CA TRP A 111 14.44 -1.80 -4.66
C TRP A 111 15.41 -0.64 -4.71
N ASP A 112 15.99 -0.27 -3.57
CA ASP A 112 16.97 0.82 -3.56
C ASP A 112 18.15 0.51 -4.46
N GLU A 113 18.52 -0.77 -4.58
CA GLU A 113 19.69 -1.12 -5.38
C GLU A 113 19.39 -1.02 -6.87
N VAL A 114 18.27 -1.59 -7.32
CA VAL A 114 17.91 -1.46 -8.73
C VAL A 114 17.68 -0.01 -9.09
N THR A 115 17.07 0.76 -8.19
CA THR A 115 16.84 2.17 -8.44
C THR A 115 18.16 2.91 -8.65
N LYS A 116 19.16 2.59 -7.83
CA LYS A 116 20.48 3.21 -8.00
C LYS A 116 21.08 2.84 -9.36
N VAL A 117 20.84 1.61 -9.81
CA VAL A 117 21.31 1.22 -11.14
C VAL A 117 20.54 1.97 -12.22
N GLY A 118 19.24 2.20 -12.00
CA GLY A 118 18.48 2.99 -12.94
C GLY A 118 19.03 4.41 -13.04
N GLU A 119 19.24 5.05 -11.89
CA GLU A 119 19.80 6.39 -11.89
C GLU A 119 21.17 6.43 -12.54
N LYS A 120 21.98 5.40 -12.32
CA LYS A 120 23.28 5.31 -12.98
C LYS A 120 23.14 5.38 -14.49
N HIS A 121 22.04 4.86 -15.04
CA HIS A 121 21.81 4.86 -16.47
C HIS A 121 20.95 6.03 -16.93
N GLY A 122 20.70 6.99 -16.06
CA GLY A 122 19.99 8.19 -16.44
C GLY A 122 18.51 8.20 -16.17
N TYR A 123 18.02 7.33 -15.30
CA TYR A 123 16.61 7.28 -14.93
C TYR A 123 16.50 7.77 -13.48
N TYR A 124 16.18 9.05 -13.31
CA TYR A 124 16.05 9.64 -11.98
C TYR A 124 15.01 8.88 -11.17
N ARG A 125 15.41 8.39 -9.99
CA ARG A 125 14.57 7.62 -9.09
C ARG A 125 14.24 6.24 -9.65
N GLY A 126 15.04 5.73 -10.57
CA GLY A 126 14.90 4.36 -11.03
C GLY A 126 13.80 4.20 -12.07
N ILE A 127 13.91 3.11 -12.84
CA ILE A 127 12.93 2.85 -13.88
C ILE A 127 11.54 2.57 -13.30
N ASP A 128 11.46 2.21 -12.02
CA ASP A 128 10.16 1.98 -11.41
C ASP A 128 9.43 3.27 -11.08
N SER A 129 10.10 4.41 -11.14
CA SER A 129 9.45 5.71 -10.99
C SER A 129 9.01 6.18 -12.37
N GLN A 130 7.69 6.26 -12.58
CA GLN A 130 7.11 6.67 -13.85
C GLN A 130 6.04 7.72 -13.58
N GLU A 131 5.60 8.39 -14.64
CA GLU A 131 4.52 9.35 -14.52
C GLU A 131 3.31 8.69 -13.86
N LEU A 132 2.71 9.39 -12.90
CA LEU A 132 1.56 8.90 -12.14
C LEU A 132 1.92 7.68 -11.28
N ASN A 133 3.21 7.47 -11.04
CA ASN A 133 3.68 6.30 -10.31
C ASN A 133 5.06 6.58 -9.71
N MET A 134 5.11 7.48 -8.73
CA MET A 134 6.35 7.88 -8.08
C MET A 134 6.53 7.27 -6.69
N VAL A 135 5.47 6.71 -6.11
CA VAL A 135 5.54 6.13 -4.78
C VAL A 135 6.69 5.12 -4.73
N SER A 136 7.64 5.35 -3.83
CA SER A 136 8.80 4.47 -3.74
C SER A 136 8.37 3.04 -3.41
N THR A 137 9.11 2.09 -3.99
CA THR A 137 8.96 0.66 -3.71
C THR A 137 7.55 0.15 -4.05
N TYR A 138 6.90 0.73 -5.05
CA TYR A 138 5.59 0.26 -5.46
C TYR A 138 5.68 -0.89 -6.47
N THR A 139 6.51 -0.73 -7.50
CA THR A 139 6.80 -1.79 -8.45
C THR A 139 8.29 -2.10 -8.44
N TYR A 140 8.64 -3.32 -8.85
CA TYR A 140 10.01 -3.79 -8.88
C TYR A 140 10.34 -4.23 -10.29
N VAL A 141 11.20 -3.47 -10.96
CA VAL A 141 11.59 -3.75 -12.35
C VAL A 141 10.33 -3.84 -13.20
N LEU A 142 9.39 -2.93 -12.97
CA LEU A 142 8.19 -2.77 -13.79
C LEU A 142 7.15 -3.86 -13.54
N SER A 143 7.55 -5.12 -13.70
CA SER A 143 6.60 -6.22 -13.60
C SER A 143 6.43 -6.76 -12.18
N SER A 144 7.29 -6.35 -11.24
CA SER A 144 7.19 -6.75 -9.84
C SER A 144 7.16 -8.27 -9.70
N TYR A 145 8.09 -8.94 -10.37
CA TYR A 145 8.09 -10.39 -10.47
C TYR A 145 7.95 -11.08 -9.12
N PRO A 146 8.85 -10.83 -8.15
CA PRO A 146 8.78 -11.62 -6.91
C PRO A 146 7.50 -11.40 -6.12
N ASP A 147 6.96 -10.19 -6.14
CA ASP A 147 5.73 -9.90 -5.40
C ASP A 147 4.52 -10.50 -6.12
N MET A 148 4.45 -10.38 -7.45
CA MET A 148 3.37 -11.02 -8.18
C MET A 148 3.43 -12.54 -8.04
N LYS A 149 4.64 -13.11 -8.13
CA LYS A 149 4.79 -14.55 -8.02
C LYS A 149 4.24 -15.05 -6.69
N LEU A 150 4.67 -14.43 -5.58
CA LEU A 150 4.20 -14.88 -4.27
C LEU A 150 2.69 -14.74 -4.14
N ALA A 151 2.14 -13.60 -4.58
CA ALA A 151 0.69 -13.41 -4.49
C ALA A 151 -0.04 -14.48 -5.30
N LEU A 152 0.46 -14.80 -6.49
CA LEU A 152 -0.19 -15.80 -7.31
C LEU A 152 -0.05 -17.20 -6.72
N GLU A 153 1.09 -17.49 -6.09
CA GLU A 153 1.22 -18.75 -5.37
C GLU A 153 0.18 -18.86 -4.26
N ILE A 154 0.07 -17.82 -3.43
CA ILE A 154 -0.90 -17.85 -2.34
C ILE A 154 -2.30 -18.05 -2.90
N ALA A 155 -2.63 -17.33 -3.98
CA ALA A 155 -3.97 -17.43 -4.54
C ALA A 155 -4.28 -18.84 -4.99
N GLU A 156 -3.31 -19.52 -5.62
CA GLU A 156 -3.57 -20.88 -6.09
C GLU A 156 -3.65 -21.86 -4.93
N LYS A 157 -2.81 -21.68 -3.91
CA LYS A 157 -2.85 -22.59 -2.77
C LYS A 157 -4.17 -22.47 -2.01
N MET A 158 -4.72 -21.27 -1.93
CA MET A 158 -5.93 -21.09 -1.13
C MET A 158 -7.19 -21.52 -1.90
N LYS A 159 -7.16 -21.46 -3.23
CA LYS A 159 -8.29 -21.99 -3.99
C LYS A 159 -8.50 -23.46 -3.70
N LYS A 160 -7.44 -24.17 -3.30
CA LYS A 160 -7.54 -25.58 -2.95
C LYS A 160 -7.59 -25.84 -1.45
N MET A 161 -6.90 -25.02 -0.64
CA MET A 161 -6.80 -25.25 0.79
C MET A 161 -7.66 -24.31 1.62
N ALA A 162 -8.28 -23.30 1.02
CA ALA A 162 -9.11 -22.37 1.77
C ALA A 162 -10.02 -21.61 0.80
N PRO A 163 -11.02 -22.28 0.22
CA PRO A 163 -11.82 -21.62 -0.82
C PRO A 163 -12.62 -20.43 -0.33
N LYS A 164 -13.05 -20.41 0.93
CA LYS A 164 -13.86 -19.32 1.44
C LYS A 164 -13.03 -18.14 1.92
N ALA A 165 -11.71 -18.28 2.05
CA ALA A 165 -10.89 -17.24 2.63
C ALA A 165 -10.84 -16.00 1.75
N TYR A 166 -10.71 -14.85 2.40
CA TYR A 166 -10.38 -13.60 1.73
C TYR A 166 -8.86 -13.43 1.74
N LEU A 167 -8.29 -13.16 0.58
CA LEU A 167 -6.88 -12.79 0.48
C LEU A 167 -6.81 -11.26 0.51
N MET A 168 -6.29 -10.72 1.61
CA MET A 168 -6.24 -9.27 1.83
C MET A 168 -4.84 -8.80 1.45
N GLN A 169 -4.71 -8.36 0.20
CA GLN A 169 -3.40 -7.99 -0.36
C GLN A 169 -3.00 -6.60 0.12
N THR A 170 -1.90 -6.51 0.85
CA THR A 170 -1.34 -5.24 1.27
C THR A 170 0.02 -4.93 0.67
N ALA A 171 0.77 -5.95 0.24
CA ALA A 171 2.07 -5.73 -0.37
C ALA A 171 1.93 -5.15 -1.78
N ASN A 172 2.85 -4.26 -2.13
CA ASN A 172 2.78 -3.54 -3.40
C ASN A 172 3.41 -4.35 -4.53
N PRO A 173 2.96 -4.15 -5.78
CA PRO A 173 1.91 -3.21 -6.20
C PRO A 173 0.50 -3.75 -5.95
N VAL A 174 -0.26 -3.07 -5.09
CA VAL A 174 -1.62 -3.50 -4.76
C VAL A 174 -2.49 -3.53 -6.01
N PHE A 175 -2.42 -2.49 -6.83
CA PHE A 175 -3.24 -2.42 -8.04
C PHE A 175 -2.92 -3.58 -8.97
N GLU A 176 -1.67 -3.65 -9.43
CA GLU A 176 -1.28 -4.72 -10.35
C GLU A 176 -1.57 -6.10 -9.77
N ILE A 177 -1.27 -6.31 -8.49
CA ILE A 177 -1.39 -7.65 -7.91
C ILE A 177 -2.86 -8.04 -7.74
N THR A 178 -3.66 -7.16 -7.14
CA THR A 178 -5.09 -7.45 -7.00
C THR A 178 -5.71 -7.74 -8.37
N GLN A 179 -5.33 -6.96 -9.38
CA GLN A 179 -5.85 -7.18 -10.72
C GLN A 179 -5.40 -8.53 -11.27
N ALA A 180 -4.12 -8.84 -11.13
CA ALA A 180 -3.59 -10.08 -11.69
C ALA A 180 -4.23 -11.30 -11.02
N VAL A 181 -4.35 -11.27 -9.69
CA VAL A 181 -4.93 -12.41 -8.98
C VAL A 181 -6.40 -12.57 -9.35
N ARG A 182 -7.17 -11.48 -9.33
CA ARG A 182 -8.58 -11.55 -9.72
C ARG A 182 -8.72 -12.16 -11.11
N ARG A 183 -7.95 -11.64 -12.06
CA ARG A 183 -8.15 -11.99 -13.47
C ARG A 183 -7.66 -13.40 -13.78
N TRP A 184 -6.52 -13.80 -13.22
CA TRP A 184 -5.87 -15.04 -13.62
C TRP A 184 -6.16 -16.22 -12.71
N THR A 185 -6.75 -15.99 -11.53
CA THR A 185 -7.04 -17.11 -10.62
C THR A 185 -8.50 -17.10 -10.18
N GLY A 186 -9.10 -15.92 -10.11
CA GLY A 186 -10.43 -15.83 -9.54
C GLY A 186 -10.47 -16.03 -8.05
N ALA A 187 -9.32 -16.15 -7.39
CA ALA A 187 -9.28 -16.19 -5.94
C ALA A 187 -9.94 -14.93 -5.37
N ASN A 188 -10.42 -15.04 -4.13
CA ASN A 188 -11.20 -13.98 -3.50
C ASN A 188 -10.26 -12.99 -2.84
N ILE A 189 -9.67 -12.12 -3.66
CA ILE A 189 -8.66 -11.17 -3.24
C ILE A 189 -9.27 -9.78 -3.18
N VAL A 190 -8.84 -9.01 -2.18
CA VAL A 190 -9.22 -7.61 -2.03
C VAL A 190 -7.97 -6.83 -1.65
N GLY A 191 -7.74 -5.71 -2.32
CA GLY A 191 -6.56 -4.90 -2.05
C GLY A 191 -6.84 -3.82 -1.01
N PHE A 192 -5.89 -3.64 -0.10
CA PHE A 192 -6.03 -2.73 1.03
C PHE A 192 -4.99 -1.63 0.97
N CYS A 193 -5.46 -0.38 1.10
CA CYS A 193 -4.60 0.78 1.29
C CYS A 193 -5.47 1.94 1.78
N HIS A 194 -4.99 2.65 2.80
CA HIS A 194 -5.80 3.70 3.42
C HIS A 194 -5.29 5.09 3.06
N GLY A 195 -5.02 5.32 1.76
CA GLY A 195 -4.67 6.65 1.32
C GLY A 195 -5.76 7.67 1.55
N VAL A 196 -7.00 7.21 1.80
CA VAL A 196 -8.12 8.11 2.00
C VAL A 196 -7.99 8.93 3.28
N ALA A 197 -7.17 8.49 4.23
CA ALA A 197 -7.02 9.19 5.50
C ALA A 197 -6.57 10.64 5.32
N GLY A 198 -6.13 11.03 4.13
CA GLY A 198 -5.68 12.40 3.90
C GLY A 198 -6.80 13.43 3.91
N VAL A 199 -8.05 13.01 3.69
CA VAL A 199 -9.13 13.98 3.57
C VAL A 199 -9.32 14.74 4.87
N TYR A 200 -9.11 14.09 6.01
CA TYR A 200 -9.40 14.73 7.29
C TYR A 200 -8.47 15.93 7.53
N GLU A 201 -7.26 15.91 6.96
CA GLU A 201 -6.41 17.09 7.05
C GLU A 201 -6.98 18.23 6.23
N VAL A 202 -7.46 17.94 5.01
CA VAL A 202 -8.12 18.96 4.20
C VAL A 202 -9.18 19.65 5.03
N PHE A 203 -10.02 18.86 5.71
CA PHE A 203 -11.07 19.44 6.54
C PHE A 203 -10.48 20.26 7.68
N GLU A 204 -9.43 19.75 8.32
CA GLU A 204 -8.78 20.49 9.40
C GLU A 204 -8.32 21.87 8.91
N LYS A 205 -7.61 21.91 7.78
CA LYS A 205 -7.05 23.17 7.31
C LYS A 205 -8.14 24.17 6.95
N LEU A 206 -9.33 23.71 6.57
CA LEU A 206 -10.41 24.58 6.16
C LEU A 206 -11.39 24.89 7.29
N ASP A 207 -11.08 24.45 8.52
CA ASP A 207 -11.89 24.77 9.69
C ASP A 207 -13.30 24.20 9.57
N LEU A 208 -13.37 22.91 9.20
CA LEU A 208 -14.64 22.23 8.98
C LEU A 208 -14.72 21.00 9.88
N ASP A 209 -15.81 20.89 10.62
CA ASP A 209 -16.10 19.68 11.38
C ASP A 209 -16.23 18.53 10.39
N PRO A 210 -15.32 17.56 10.39
CA PRO A 210 -15.44 16.45 9.43
C PRO A 210 -16.77 15.75 9.51
N GLU A 211 -17.44 15.82 10.64
CA GLU A 211 -18.76 15.21 10.78
C GLU A 211 -19.82 15.97 10.02
N GLU A 212 -19.58 17.23 9.69
CA GLU A 212 -20.51 18.04 8.92
C GLU A 212 -20.24 17.96 7.42
N VAL A 213 -19.23 17.20 7.00
CA VAL A 213 -18.76 17.19 5.63
C VAL A 213 -19.28 15.95 4.92
N ASP A 214 -20.05 16.16 3.87
CA ASP A 214 -20.53 15.09 2.99
C ASP A 214 -19.50 14.92 1.88
N TRP A 215 -18.69 13.87 1.96
CA TRP A 215 -17.57 13.70 1.05
C TRP A 215 -17.50 12.26 0.52
N GLN A 216 -16.82 12.13 -0.61
CA GLN A 216 -16.60 10.82 -1.23
C GLN A 216 -15.26 10.88 -1.97
N VAL A 217 -14.63 9.72 -2.10
CA VAL A 217 -13.35 9.59 -2.80
C VAL A 217 -13.37 8.34 -3.67
N ALA A 218 -12.74 8.42 -4.83
CA ALA A 218 -12.74 7.30 -5.75
C ALA A 218 -11.57 7.42 -6.73
N GLY A 219 -11.19 6.28 -7.29
CA GLY A 219 -10.16 6.24 -8.30
C GLY A 219 -9.51 4.87 -8.37
N VAL A 220 -8.20 4.81 -8.57
CA VAL A 220 -7.45 3.57 -8.41
C VAL A 220 -6.48 3.73 -7.25
N ASN A 221 -5.84 2.63 -6.86
CA ASN A 221 -4.91 2.65 -5.76
C ASN A 221 -3.85 3.72 -5.99
N HIS A 222 -3.62 4.55 -4.98
CA HIS A 222 -2.69 5.67 -5.08
C HIS A 222 -3.07 6.60 -6.24
N GLY A 223 -4.35 6.60 -6.59
CA GLY A 223 -4.85 7.41 -7.69
C GLY A 223 -6.30 7.78 -7.46
N ILE A 224 -6.57 8.31 -6.28
CA ILE A 224 -7.93 8.58 -5.81
C ILE A 224 -8.16 10.07 -5.75
N TRP A 225 -9.42 10.47 -5.89
CA TRP A 225 -9.79 11.87 -6.03
C TRP A 225 -10.99 12.19 -5.17
N LEU A 226 -10.98 13.38 -4.59
CA LEU A 226 -12.08 13.86 -3.75
C LEU A 226 -13.20 14.30 -4.70
N ASN A 227 -13.95 13.31 -5.19
CA ASN A 227 -14.97 13.60 -6.20
C ASN A 227 -16.16 14.34 -5.62
N ARG A 228 -16.45 14.15 -4.33
CA ARG A 228 -17.52 14.90 -3.67
C ARG A 228 -16.98 15.57 -2.42
N PHE A 229 -17.27 16.86 -2.27
CA PHE A 229 -16.80 17.64 -1.12
C PHE A 229 -17.84 18.74 -0.89
N ARG A 230 -18.80 18.46 0.00
CA ARG A 230 -19.93 19.34 0.25
C ARG A 230 -20.03 19.64 1.73
N TYR A 231 -20.60 20.81 2.04
CA TYR A 231 -20.69 21.29 3.41
C TYR A 231 -21.89 22.21 3.52
N ARG A 232 -22.79 21.91 4.45
CA ARG A 232 -24.00 22.70 4.66
C ARG A 232 -24.78 22.88 3.37
N GLY A 233 -24.89 21.80 2.60
CA GLY A 233 -25.77 21.76 1.45
C GLY A 233 -25.24 22.40 0.20
N GLU A 234 -23.93 22.66 0.12
CA GLU A 234 -23.34 23.28 -1.05
C GLU A 234 -21.96 22.70 -1.31
N ASP A 235 -21.51 22.84 -2.56
CA ASP A 235 -20.15 22.47 -2.91
C ASP A 235 -19.17 23.25 -2.03
N ALA A 236 -18.25 22.51 -1.40
CA ALA A 236 -17.28 23.10 -0.49
C ALA A 236 -15.93 23.40 -1.15
N TYR A 237 -15.81 23.16 -2.45
CA TYR A 237 -14.53 23.41 -3.11
C TYR A 237 -14.23 24.90 -3.17
N PRO A 238 -15.22 25.79 -3.25
CA PRO A 238 -14.90 27.22 -3.14
C PRO A 238 -14.13 27.57 -1.87
N LEU A 239 -14.34 26.81 -0.80
CA LEU A 239 -13.55 27.02 0.41
C LEU A 239 -12.09 26.62 0.19
N LEU A 240 -11.86 25.56 -0.61
CA LEU A 240 -10.49 25.25 -0.99
C LEU A 240 -9.89 26.36 -1.84
N ASP A 241 -10.66 26.86 -2.82
CA ASP A 241 -10.20 27.98 -3.63
C ASP A 241 -9.74 29.13 -2.74
N GLU A 242 -10.53 29.45 -1.71
CA GLU A 242 -10.14 30.49 -0.77
C GLU A 242 -8.82 30.15 -0.10
N TRP A 243 -8.66 28.90 0.33
CA TRP A 243 -7.44 28.51 1.04
C TRP A 243 -6.22 28.65 0.14
N ILE A 244 -6.34 28.20 -1.11
CA ILE A 244 -5.23 28.30 -2.06
C ILE A 244 -4.78 29.75 -2.19
N GLU A 245 -5.74 30.69 -2.20
CA GLU A 245 -5.40 32.08 -2.43
C GLU A 245 -4.80 32.73 -1.19
N LYS A 246 -5.29 32.38 0.00
CA LYS A 246 -4.90 33.08 1.22
C LYS A 246 -3.84 32.36 2.04
N LYS A 247 -3.90 31.03 2.13
CA LYS A 247 -3.04 30.30 3.06
C LYS A 247 -2.03 29.39 2.38
N LEU A 248 -2.17 29.10 1.09
CA LEU A 248 -1.17 28.28 0.41
C LEU A 248 0.21 28.93 0.43
N PRO A 249 0.36 30.24 0.18
CA PRO A 249 1.71 30.82 0.16
C PRO A 249 2.50 30.58 1.44
N GLU A 250 1.83 30.39 2.57
CA GLU A 250 2.48 30.15 3.84
C GLU A 250 2.59 28.68 4.20
N TRP A 251 2.24 27.78 3.27
CA TRP A 251 2.25 26.36 3.57
C TRP A 251 3.69 25.86 3.68
N GLU A 252 3.93 25.01 4.68
CA GLU A 252 5.21 24.34 4.86
C GLU A 252 4.94 22.90 5.27
N PRO A 253 5.76 21.95 4.80
CA PRO A 253 5.55 20.55 5.16
C PRO A 253 6.12 20.26 6.54
N LYS A 254 5.33 19.59 7.37
CA LYS A 254 5.81 19.22 8.70
C LYS A 254 6.90 18.16 8.62
N ASN A 255 6.92 17.36 7.56
CA ASN A 255 7.90 16.30 7.40
C ASN A 255 7.85 15.83 5.95
N PRO A 256 8.80 14.98 5.54
CA PRO A 256 8.85 14.58 4.12
C PRO A 256 7.57 13.94 3.62
N TRP A 257 6.69 13.46 4.49
CA TRP A 257 5.44 12.83 4.08
C TRP A 257 4.31 13.82 3.87
N ASP A 258 4.45 15.05 4.31
CA ASP A 258 3.36 16.03 4.27
C ASP A 258 3.27 16.64 2.87
N THR A 259 2.27 16.22 2.10
CA THR A 259 2.08 16.74 0.76
C THR A 259 0.62 17.07 0.43
N GLN A 260 -0.32 16.79 1.33
CA GLN A 260 -1.72 16.88 0.96
C GLN A 260 -2.11 18.28 0.51
N MET A 261 -1.62 19.30 1.23
CA MET A 261 -1.93 20.69 0.91
C MET A 261 -0.79 21.39 0.17
N SER A 262 0.07 20.62 -0.50
CA SER A 262 1.25 21.18 -1.15
C SER A 262 0.88 21.89 -2.44
N PRO A 263 1.79 22.69 -2.99
CA PRO A 263 1.52 23.31 -4.31
C PRO A 263 1.28 22.30 -5.41
N ALA A 264 1.92 21.13 -5.35
CA ALA A 264 1.69 20.11 -6.36
C ALA A 264 0.25 19.59 -6.30
N ALA A 265 -0.27 19.38 -5.09
CA ALA A 265 -1.66 18.93 -4.98
C ALA A 265 -2.62 19.97 -5.53
N MET A 266 -2.39 21.24 -5.21
CA MET A 266 -3.30 22.29 -5.64
C MET A 266 -3.17 22.58 -7.12
N ASP A 267 -1.97 22.40 -7.69
CA ASP A 267 -1.82 22.54 -9.13
C ASP A 267 -2.58 21.43 -9.84
N MET A 268 -2.45 20.19 -9.37
CA MET A 268 -3.25 19.10 -9.92
C MET A 268 -4.74 19.39 -9.76
N TYR A 269 -5.12 19.93 -8.60
CA TYR A 269 -6.53 20.28 -8.40
C TYR A 269 -6.99 21.32 -9.42
N LYS A 270 -6.19 22.37 -9.64
CA LYS A 270 -6.58 23.39 -10.62
C LYS A 270 -6.82 22.75 -11.98
N PHE A 271 -5.97 21.79 -12.37
CA PHE A 271 -6.10 21.19 -13.69
C PHE A 271 -7.26 20.20 -13.74
N TYR A 272 -7.30 19.25 -12.81
CA TYR A 272 -8.25 18.15 -12.91
C TYR A 272 -9.64 18.49 -12.39
N GLY A 273 -9.76 19.52 -11.55
CA GLY A 273 -11.06 19.92 -11.02
C GLY A 273 -11.43 19.29 -9.70
N MET A 274 -10.70 18.25 -9.28
CA MET A 274 -10.89 17.61 -7.99
C MET A 274 -9.52 17.44 -7.34
N LEU A 275 -9.51 17.42 -6.02
CA LEU A 275 -8.24 17.36 -5.29
C LEU A 275 -7.74 15.91 -5.23
N PRO A 276 -6.50 15.65 -5.64
CA PRO A 276 -5.92 14.33 -5.38
C PRO A 276 -5.74 14.10 -3.89
N ILE A 277 -5.96 12.86 -3.46
CA ILE A 277 -5.99 12.52 -2.05
C ILE A 277 -4.86 11.55 -1.73
N GLY A 278 -4.19 11.79 -0.60
CA GLY A 278 -3.21 10.84 -0.11
C GLY A 278 -2.02 10.69 -1.04
N ASP A 279 -1.61 9.43 -1.22
CA ASP A 279 -0.44 9.14 -2.05
C ASP A 279 -0.62 9.60 -3.49
N THR A 280 -1.85 9.87 -3.91
CA THR A 280 -2.09 10.37 -5.26
C THR A 280 -1.32 11.67 -5.51
N VAL A 281 -1.07 12.44 -4.46
CA VAL A 281 -0.32 13.69 -4.65
C VAL A 281 1.12 13.37 -5.01
N ARG A 282 1.64 12.24 -4.54
CA ARG A 282 2.98 11.82 -4.94
C ARG A 282 3.00 11.36 -6.39
N ASN A 283 1.89 10.84 -6.88
CA ASN A 283 1.83 10.22 -8.21
C ASN A 283 1.29 11.23 -9.24
N GLY A 284 2.06 12.28 -9.46
CA GLY A 284 1.76 13.26 -10.48
C GLY A 284 2.51 12.99 -11.78
N SER A 285 2.38 13.95 -12.69
CA SER A 285 3.15 13.92 -13.93
C SER A 285 4.61 14.24 -13.62
N TRP A 286 5.46 14.17 -14.64
CA TRP A 286 6.86 14.53 -14.44
C TRP A 286 7.06 16.02 -14.19
N LYS A 287 6.00 16.83 -14.26
CA LYS A 287 6.13 18.27 -14.04
C LYS A 287 6.69 18.57 -12.66
N TYR A 288 6.38 17.74 -11.67
CA TYR A 288 6.75 17.98 -10.28
C TYR A 288 7.96 17.16 -9.84
N HIS A 289 8.62 16.44 -10.75
CA HIS A 289 9.61 15.46 -10.32
C HIS A 289 10.85 15.36 -11.22
N TYR A 290 11.12 16.37 -12.06
CA TYR A 290 12.27 16.27 -12.96
C TYR A 290 13.55 16.02 -12.17
N ASN A 291 13.68 16.64 -11.00
CA ASN A 291 14.89 16.56 -10.19
C ASN A 291 14.53 16.99 -8.78
N LEU A 292 15.51 16.93 -7.88
CA LEU A 292 15.25 17.26 -6.49
C LEU A 292 14.84 18.71 -6.33
N GLU A 293 15.50 19.63 -7.04
CA GLU A 293 15.15 21.04 -6.97
C GLU A 293 13.71 21.26 -7.39
N THR A 294 13.27 20.60 -8.45
CA THR A 294 11.88 20.72 -8.89
C THR A 294 10.93 20.17 -7.83
N LYS A 295 11.28 19.03 -7.24
CA LYS A 295 10.46 18.48 -6.16
C LYS A 295 10.32 19.46 -5.01
N LYS A 296 11.39 20.19 -4.69
CA LYS A 296 11.34 21.11 -3.56
C LYS A 296 10.49 22.33 -3.85
N LYS A 297 10.37 22.73 -5.12
CA LYS A 297 9.47 23.83 -5.45
C LYS A 297 8.01 23.44 -5.29
N TRP A 298 7.67 22.19 -5.59
CA TRP A 298 6.28 21.74 -5.60
C TRP A 298 5.89 20.96 -4.35
N PHE A 299 6.82 20.66 -3.45
CA PHE A 299 6.51 19.92 -2.24
C PHE A 299 7.09 20.53 -0.97
N GLY A 300 7.78 21.66 -1.07
CA GLY A 300 8.43 22.23 0.10
C GLY A 300 9.84 21.71 0.28
N LYS A 301 10.42 22.07 1.44
CA LYS A 301 11.86 21.96 1.60
C LYS A 301 12.37 20.52 1.48
N PHE A 302 11.57 19.53 1.88
CA PHE A 302 12.06 18.16 1.82
C PHE A 302 12.05 17.60 0.41
N GLY A 303 11.33 18.22 -0.52
CA GLY A 303 11.16 17.65 -1.83
C GLY A 303 10.30 16.40 -1.81
N GLY A 304 9.35 16.32 -0.89
CA GLY A 304 8.58 15.11 -0.76
C GLY A 304 9.41 13.98 -0.18
N ILE A 305 8.89 12.76 -0.33
CA ILE A 305 9.50 11.57 0.23
C ILE A 305 10.24 10.78 -0.84
N ASP A 306 9.80 10.91 -2.09
CA ASP A 306 10.30 10.06 -3.18
C ASP A 306 11.48 10.72 -3.91
N ASN A 307 12.58 10.92 -3.18
CA ASN A 307 13.78 11.48 -3.77
C ASN A 307 15.01 10.79 -3.19
N GLU A 308 16.16 11.05 -3.82
CA GLU A 308 17.40 10.37 -3.50
C GLU A 308 17.89 10.65 -2.08
N VAL A 309 17.27 11.57 -1.36
CA VAL A 309 17.69 11.88 0.01
C VAL A 309 16.73 11.24 0.99
N GLU A 310 15.44 11.57 0.86
CA GLU A 310 14.46 11.18 1.88
C GLU A 310 14.07 9.72 1.80
N ARG A 311 14.02 9.13 0.60
CA ARG A 311 13.64 7.73 0.51
C ARG A 311 14.67 6.83 1.17
N PRO A 312 15.96 6.93 0.87
CA PRO A 312 16.94 6.15 1.64
C PRO A 312 16.95 6.50 3.12
N LYS A 313 16.80 7.78 3.47
CA LYS A 313 16.72 8.13 4.88
C LYS A 313 15.58 7.40 5.57
N PHE A 314 14.39 7.45 4.98
CA PHE A 314 13.24 6.80 5.58
C PHE A 314 13.44 5.29 5.70
N HIS A 315 14.00 4.66 4.66
CA HIS A 315 14.22 3.23 4.71
C HIS A 315 15.16 2.86 5.85
N GLU A 316 16.18 3.68 6.09
CA GLU A 316 17.08 3.42 7.22
C GLU A 316 16.32 3.56 8.54
N GLN A 317 15.44 4.56 8.64
CA GLN A 317 14.63 4.70 9.85
C GLN A 317 13.80 3.45 10.11
N LEU A 318 13.37 2.77 9.04
CA LEU A 318 12.65 1.52 9.21
C LEU A 318 13.60 0.41 9.69
N ARG A 319 14.80 0.35 9.11
CA ARG A 319 15.77 -0.66 9.52
C ARG A 319 16.06 -0.56 11.00
N ARG A 320 16.36 0.65 11.50
CA ARG A 320 16.63 0.82 12.92
C ARG A 320 15.41 0.48 13.76
N ALA A 321 14.24 1.00 13.36
CA ALA A 321 13.02 0.70 14.09
C ALA A 321 12.76 -0.80 14.15
N ARG A 322 13.08 -1.52 13.08
CA ARG A 322 12.92 -2.97 13.09
C ARG A 322 13.87 -3.63 14.08
N GLU A 323 15.13 -3.21 14.07
CA GLU A 323 16.10 -3.81 14.98
C GLU A 323 15.76 -3.51 16.43
N ARG A 324 15.27 -2.30 16.71
CA ARG A 324 14.84 -1.98 18.06
C ARG A 324 13.78 -2.98 18.55
N LEU A 325 12.78 -3.26 17.71
CA LEU A 325 11.74 -4.21 18.09
C LEU A 325 12.32 -5.60 18.31
N ILE A 326 13.23 -6.04 17.43
CA ILE A 326 13.86 -7.34 17.60
C ILE A 326 14.64 -7.37 18.91
N LYS A 327 15.40 -6.31 19.20
CA LYS A 327 16.09 -6.23 20.47
C LYS A 327 15.11 -6.23 21.64
N LEU A 328 13.99 -5.52 21.48
CA LEU A 328 12.98 -5.50 22.53
C LEU A 328 12.43 -6.89 22.79
N ALA A 329 12.30 -7.70 21.73
CA ALA A 329 11.83 -9.07 21.90
C ALA A 329 12.81 -9.89 22.73
N GLU A 330 14.11 -9.66 22.53
CA GLU A 330 15.10 -10.33 23.37
C GLU A 330 15.00 -9.84 24.81
N GLU A 331 14.62 -8.58 25.00
CA GLU A 331 14.54 -8.03 26.35
C GLU A 331 13.40 -8.67 27.14
N VAL A 332 12.22 -8.81 26.52
CA VAL A 332 11.07 -9.35 27.24
C VAL A 332 11.34 -10.78 27.67
N GLN A 333 11.99 -11.57 26.80
CA GLN A 333 12.38 -12.91 27.20
C GLN A 333 13.24 -12.90 28.46
N GLN A 334 14.04 -11.84 28.64
CA GLN A 334 14.88 -11.72 29.82
C GLN A 334 14.15 -11.09 30.99
N ASN A 335 13.13 -10.27 30.73
CA ASN A 335 12.38 -9.56 31.77
C ASN A 335 10.90 -9.83 31.57
N PRO A 336 10.42 -11.04 31.90
CA PRO A 336 8.98 -11.31 31.76
C PRO A 336 8.11 -10.34 32.53
N GLY A 337 8.66 -9.65 33.52
CA GLY A 337 7.84 -8.76 34.33
C GLY A 337 7.51 -7.44 33.66
N MET A 338 8.39 -6.94 32.80
CA MET A 338 8.16 -5.65 32.17
C MET A 338 6.84 -5.69 31.40
N LYS A 339 6.13 -4.56 31.41
CA LYS A 339 4.86 -4.42 30.73
C LYS A 339 5.08 -3.60 29.46
N LEU A 340 4.99 -4.25 28.30
CA LEU A 340 5.11 -3.54 27.03
C LEU A 340 4.08 -2.41 26.94
N THR A 341 2.88 -2.64 27.48
CA THR A 341 1.85 -1.60 27.45
C THR A 341 2.31 -0.33 28.14
N GLU A 342 3.13 -0.46 29.19
CA GLU A 342 3.62 0.69 29.95
C GLU A 342 4.88 1.28 29.34
N GLU A 343 5.88 0.44 29.07
CA GLU A 343 7.19 0.96 28.65
C GLU A 343 7.12 1.65 27.29
N HIS A 344 6.33 1.11 26.37
CA HIS A 344 6.22 1.64 25.01
C HIS A 344 4.75 1.71 24.63
N PRO A 345 4.07 2.80 25.00
CA PRO A 345 2.63 2.88 24.71
C PRO A 345 2.32 3.10 23.24
N GLU A 346 3.15 3.86 22.53
CA GLU A 346 2.85 4.16 21.13
C GLU A 346 2.87 2.90 20.27
N ILE A 347 3.72 1.93 20.61
CA ILE A 347 3.77 0.68 19.86
C ILE A 347 2.75 -0.33 20.37
N PHE A 348 2.40 -0.27 21.66
CA PHE A 348 1.51 -1.23 22.30
C PHE A 348 0.37 -0.49 23.00
N PRO A 349 -0.52 0.14 22.24
CA PRO A 349 -1.59 0.93 22.86
C PRO A 349 -2.68 0.07 23.47
N LYS A 350 -3.30 0.61 24.52
CA LYS A 350 -4.45 0.01 25.17
C LYS A 350 -5.70 0.84 24.88
N GLY A 351 -6.80 0.16 24.57
CA GLY A 351 -8.07 0.82 24.39
C GLY A 351 -8.16 1.75 23.20
N LYS A 352 -7.20 1.71 22.30
CA LYS A 352 -7.22 2.55 21.10
C LYS A 352 -6.96 1.66 19.88
N LEU A 353 -7.86 1.73 18.91
CA LEU A 353 -7.65 1.01 17.66
C LEU A 353 -6.74 1.81 16.73
N SER A 354 -6.11 1.11 15.80
CA SER A 354 -5.19 1.77 14.88
C SER A 354 -5.91 2.68 13.92
N GLY A 355 -7.14 2.33 13.53
CA GLY A 355 -7.84 3.04 12.50
C GLY A 355 -7.65 2.47 11.11
N GLU A 356 -6.77 1.49 10.95
CA GLU A 356 -6.63 0.84 9.65
C GLU A 356 -7.83 -0.04 9.38
N GLN A 357 -7.99 -0.41 8.11
CA GLN A 357 -9.19 -1.06 7.64
C GLN A 357 -9.17 -2.58 7.76
N HIS A 358 -8.00 -3.17 8.00
CA HIS A 358 -7.86 -4.62 7.87
C HIS A 358 -8.77 -5.37 8.84
N ILE A 359 -8.67 -5.08 10.12
CA ILE A 359 -9.42 -5.83 11.13
C ILE A 359 -10.89 -5.44 11.09
N PRO A 360 -11.25 -4.16 10.94
CA PRO A 360 -12.67 -3.84 10.71
C PRO A 360 -13.27 -4.62 9.56
N PHE A 361 -12.52 -4.79 8.46
CA PHE A 361 -12.99 -5.62 7.36
C PHE A 361 -13.32 -7.04 7.84
N ILE A 362 -12.40 -7.65 8.59
CA ILE A 362 -12.63 -9.01 9.08
C ILE A 362 -13.86 -9.04 9.98
N ASN A 363 -14.00 -8.05 10.86
CA ASN A 363 -15.13 -8.03 11.76
C ASN A 363 -16.43 -7.82 11.01
N ALA A 364 -16.37 -7.19 9.84
CA ALA A 364 -17.57 -6.99 9.03
C ALA A 364 -17.98 -8.28 8.34
N ILE A 365 -17.02 -8.99 7.75
CA ILE A 365 -17.33 -10.23 7.06
C ILE A 365 -17.77 -11.30 8.05
N ALA A 366 -17.03 -11.46 9.15
CA ALA A 366 -17.24 -12.57 10.06
C ALA A 366 -18.30 -12.29 11.12
N ASN A 367 -18.55 -11.04 11.45
CA ASN A 367 -19.47 -10.70 12.53
C ASN A 367 -20.53 -9.68 12.13
N ASN A 368 -20.67 -9.42 10.83
CA ASN A 368 -21.73 -8.56 10.32
C ASN A 368 -21.72 -7.18 10.97
N LYS A 369 -20.53 -6.69 11.33
CA LYS A 369 -20.34 -5.33 11.83
C LYS A 369 -20.15 -4.43 10.63
N ARG A 370 -21.26 -3.87 10.14
CA ARG A 370 -21.25 -3.08 8.91
C ARG A 370 -20.37 -1.85 9.07
N VAL A 371 -19.57 -1.55 8.04
CA VAL A 371 -18.67 -0.40 8.07
C VAL A 371 -18.40 0.05 6.64
N ARG A 372 -18.07 1.34 6.49
CA ARG A 372 -17.69 1.92 5.21
C ARG A 372 -16.18 1.87 5.08
N LEU A 373 -15.68 1.27 4.00
CA LEU A 373 -14.26 1.11 3.75
C LEU A 373 -13.93 1.52 2.33
N PHE A 374 -12.64 1.68 2.06
CA PHE A 374 -12.12 2.00 0.74
C PHE A 374 -11.17 0.89 0.31
N LEU A 375 -11.62 0.06 -0.62
CA LEU A 375 -10.95 -1.19 -0.94
C LEU A 375 -10.78 -1.31 -2.44
N ASN A 376 -9.78 -2.09 -2.84
CA ASN A 376 -9.50 -2.31 -4.25
C ASN A 376 -10.26 -3.54 -4.72
N VAL A 377 -11.30 -3.30 -5.53
CA VAL A 377 -12.19 -4.34 -6.05
C VAL A 377 -12.53 -4.02 -7.49
N GLU A 378 -13.10 -5.00 -8.19
CA GLU A 378 -13.48 -4.81 -9.58
C GLU A 378 -14.51 -3.69 -9.71
N ASN A 379 -14.36 -2.90 -10.77
CA ASN A 379 -15.24 -1.76 -11.01
C ASN A 379 -16.71 -2.17 -10.98
N GLN A 380 -17.10 -3.11 -11.82
CA GLN A 380 -18.48 -3.58 -11.88
C GLN A 380 -19.44 -2.44 -12.19
N GLY A 381 -19.05 -1.57 -13.12
CA GLY A 381 -19.89 -0.48 -13.55
C GLY A 381 -19.96 0.71 -12.61
N THR A 382 -19.21 0.70 -11.52
CA THR A 382 -19.23 1.83 -10.60
C THR A 382 -18.78 3.11 -11.31
N LEU A 383 -17.68 3.02 -12.07
CA LEU A 383 -17.22 4.11 -12.94
C LEU A 383 -17.50 3.66 -14.38
N LYS A 384 -18.64 4.11 -14.91
CA LYS A 384 -19.22 3.48 -16.11
C LYS A 384 -18.31 3.56 -17.32
N ASP A 385 -17.40 4.54 -17.37
CA ASP A 385 -16.52 4.71 -18.52
C ASP A 385 -15.33 3.75 -18.53
N PHE A 386 -15.26 2.83 -17.58
CA PHE A 386 -14.12 1.91 -17.46
C PHE A 386 -14.62 0.48 -17.45
N PRO A 387 -13.76 -0.48 -17.81
CA PRO A 387 -14.22 -1.87 -17.87
C PRO A 387 -14.66 -2.37 -16.51
N ASP A 388 -15.55 -3.37 -16.55
CA ASP A 388 -16.10 -3.92 -15.31
C ASP A 388 -15.04 -4.63 -14.47
N ASP A 389 -14.06 -5.25 -15.11
CA ASP A 389 -13.12 -6.09 -14.38
C ASP A 389 -11.90 -5.32 -13.87
N VAL A 390 -11.74 -4.05 -14.23
CA VAL A 390 -10.58 -3.30 -13.76
C VAL A 390 -10.73 -3.00 -12.27
N VAL A 391 -9.67 -3.27 -11.51
CA VAL A 391 -9.69 -3.08 -10.07
C VAL A 391 -9.54 -1.60 -9.73
N MET A 392 -10.48 -1.08 -8.95
CA MET A 392 -10.53 0.31 -8.55
C MET A 392 -10.53 0.38 -7.02
N GLU A 393 -10.08 1.51 -6.49
CA GLU A 393 -10.17 1.79 -5.06
C GLU A 393 -11.45 2.57 -4.84
N LEU A 394 -12.48 1.90 -4.31
CA LEU A 394 -13.82 2.45 -4.27
C LEU A 394 -14.34 2.53 -2.84
N PRO A 395 -15.26 3.44 -2.57
CA PRO A 395 -15.98 3.41 -1.28
C PRO A 395 -16.98 2.27 -1.28
N VAL A 396 -16.92 1.43 -0.25
CA VAL A 396 -17.78 0.26 -0.17
C VAL A 396 -18.27 0.07 1.26
N TRP A 397 -19.42 -0.58 1.37
CA TRP A 397 -19.94 -1.03 2.66
C TRP A 397 -19.79 -2.54 2.72
N VAL A 398 -19.19 -3.02 3.80
CA VAL A 398 -18.91 -4.43 3.98
C VAL A 398 -19.74 -4.94 5.16
N ASP A 399 -20.29 -6.14 5.01
CA ASP A 399 -21.08 -6.75 6.06
C ASP A 399 -20.90 -8.27 5.97
N CYS A 400 -21.87 -9.02 6.51
CA CYS A 400 -21.76 -10.47 6.51
C CYS A 400 -21.75 -11.03 5.10
N CYS A 401 -22.49 -10.41 4.19
CA CYS A 401 -22.75 -10.98 2.87
C CYS A 401 -22.29 -10.02 1.77
N GLY A 402 -20.97 -9.82 1.68
CA GLY A 402 -20.36 -9.26 0.50
C GLY A 402 -19.83 -7.85 0.72
N ILE A 403 -19.33 -7.30 -0.39
CA ILE A 403 -18.83 -5.94 -0.46
C ILE A 403 -19.77 -5.16 -1.37
N HIS A 404 -20.29 -4.04 -0.87
CA HIS A 404 -21.37 -3.29 -1.51
C HIS A 404 -20.84 -1.92 -1.91
N ARG A 405 -20.75 -1.68 -3.22
CA ARG A 405 -20.15 -0.45 -3.72
C ARG A 405 -21.14 0.70 -3.63
N GLU A 406 -20.69 1.83 -3.11
CA GLU A 406 -21.50 3.04 -3.16
C GLU A 406 -21.57 3.57 -4.57
N LYS A 407 -22.59 4.38 -4.83
CA LYS A 407 -22.67 5.12 -6.08
C LYS A 407 -21.67 6.28 -6.03
N VAL A 408 -20.84 6.38 -7.07
CA VAL A 408 -19.84 7.43 -7.14
C VAL A 408 -20.47 8.64 -7.83
N GLU A 409 -20.74 9.68 -7.04
CA GLU A 409 -21.40 10.86 -7.52
C GLU A 409 -20.88 12.04 -6.70
N PRO A 410 -20.44 13.13 -7.33
CA PRO A 410 -20.27 13.33 -8.78
C PRO A 410 -19.30 12.33 -9.40
N ASP A 411 -19.44 12.09 -10.69
CA ASP A 411 -18.48 11.25 -11.40
C ASP A 411 -17.16 11.97 -11.52
N LEU A 412 -16.08 11.19 -11.60
CA LEU A 412 -14.77 11.77 -11.82
C LEU A 412 -14.78 12.63 -13.09
N THR A 413 -14.03 13.71 -13.07
CA THR A 413 -14.08 14.66 -14.17
C THR A 413 -13.52 14.03 -15.43
N HIS A 414 -13.89 14.64 -16.57
CA HIS A 414 -13.41 14.16 -17.86
C HIS A 414 -11.88 14.16 -17.92
N ARG A 415 -11.24 15.17 -17.34
CA ARG A 415 -9.78 15.24 -17.41
C ARG A 415 -9.14 14.16 -16.55
N ILE A 416 -9.71 13.88 -15.37
CA ILE A 416 -9.19 12.79 -14.55
C ILE A 416 -9.20 11.48 -15.32
N LYS A 417 -10.25 11.26 -16.12
CA LYS A 417 -10.38 10.01 -16.83
C LYS A 417 -9.34 9.90 -17.95
N ILE A 418 -9.25 10.93 -18.79
CA ILE A 418 -8.43 10.79 -20.00
C ILE A 418 -6.96 11.11 -19.74
N PHE A 419 -6.66 11.92 -18.72
CA PHE A 419 -5.27 12.29 -18.45
C PHE A 419 -4.65 11.53 -17.28
N TYR A 420 -5.45 10.95 -16.38
CA TYR A 420 -4.90 10.30 -15.20
C TYR A 420 -5.31 8.83 -15.11
N LEU A 421 -6.58 8.53 -14.88
CA LEU A 421 -6.97 7.14 -14.64
C LEU A 421 -6.60 6.24 -15.80
N TRP A 422 -6.99 6.62 -17.02
CA TRP A 422 -6.72 5.76 -18.17
C TRP A 422 -5.23 5.53 -18.39
N PRO A 423 -4.39 6.57 -18.47
CA PRO A 423 -2.94 6.29 -18.57
C PRO A 423 -2.42 5.40 -17.47
N ARG A 424 -2.96 5.53 -16.25
CA ARG A 424 -2.49 4.69 -15.15
C ARG A 424 -3.02 3.27 -15.28
N ILE A 425 -4.26 3.11 -15.73
CA ILE A 425 -4.80 1.77 -15.99
C ILE A 425 -3.99 1.07 -17.05
N LEU A 426 -3.65 1.77 -18.14
CA LEU A 426 -2.85 1.15 -19.20
C LEU A 426 -1.50 0.70 -18.67
N ARG A 427 -0.87 1.50 -17.81
CA ARG A 427 0.41 1.09 -17.24
C ARG A 427 0.26 -0.22 -16.46
N MET A 428 -0.81 -0.35 -15.69
CA MET A 428 -1.10 -1.62 -15.03
C MET A 428 -1.16 -2.76 -16.05
N GLU A 429 -1.89 -2.55 -17.14
CA GLU A 429 -1.96 -3.57 -18.18
C GLU A 429 -0.60 -3.84 -18.79
N TRP A 430 0.20 -2.79 -19.00
CA TRP A 430 1.57 -2.98 -19.46
C TRP A 430 2.33 -3.88 -18.50
N ASN A 431 2.28 -3.55 -17.21
CA ASN A 431 3.03 -4.32 -16.21
C ASN A 431 2.56 -5.76 -16.14
N LEU A 432 1.23 -5.97 -16.17
CA LEU A 432 0.73 -7.34 -16.13
C LEU A 432 1.18 -8.13 -17.36
N GLU A 433 1.09 -7.50 -18.54
CA GLU A 433 1.54 -8.16 -19.77
C GLU A 433 3.02 -8.49 -19.69
N ALA A 434 3.82 -7.60 -19.10
CA ALA A 434 5.25 -7.88 -18.99
C ALA A 434 5.50 -9.09 -18.10
N TYR A 435 4.68 -9.28 -17.06
CA TYR A 435 4.86 -10.42 -16.17
C TYR A 435 4.47 -11.72 -16.86
N ILE A 436 3.22 -11.80 -17.35
CA ILE A 436 2.69 -13.08 -17.79
C ILE A 436 3.36 -13.53 -19.08
N SER A 437 3.72 -12.59 -19.95
CA SER A 437 4.35 -12.96 -21.21
C SER A 437 5.78 -13.46 -21.02
N ARG A 438 6.43 -13.11 -19.92
CA ARG A 438 7.84 -13.43 -19.71
C ARG A 438 8.71 -12.86 -20.82
N ASP A 439 8.30 -11.74 -21.40
CA ASP A 439 8.90 -11.20 -22.61
C ASP A 439 9.59 -9.89 -22.29
N ARG A 440 10.92 -9.90 -22.35
CA ARG A 440 11.71 -8.70 -22.11
C ARG A 440 11.28 -7.55 -23.01
N LYS A 441 10.79 -7.84 -24.22
CA LYS A 441 10.41 -6.78 -25.14
C LYS A 441 9.27 -5.94 -24.58
N VAL A 442 8.41 -6.52 -23.74
CA VAL A 442 7.37 -5.72 -23.11
C VAL A 442 7.98 -4.75 -22.12
N LEU A 443 8.94 -5.21 -21.32
CA LEU A 443 9.67 -4.31 -20.44
C LEU A 443 10.33 -3.19 -21.23
N GLU A 444 10.91 -3.54 -22.39
CA GLU A 444 11.53 -2.51 -23.23
C GLU A 444 10.50 -1.53 -23.78
N GLU A 445 9.31 -2.02 -24.16
CA GLU A 445 8.30 -1.12 -24.67
C GLU A 445 7.86 -0.13 -23.60
N ILE A 446 7.72 -0.60 -22.36
CA ILE A 446 7.37 0.30 -21.27
C ILE A 446 8.38 1.44 -21.16
N LEU A 447 9.67 1.10 -21.23
CA LEU A 447 10.69 2.13 -21.14
C LEU A 447 10.76 2.97 -22.41
N ILE A 448 10.27 2.45 -23.54
CA ILE A 448 10.20 3.26 -24.75
C ILE A 448 9.14 4.35 -24.60
N ARG A 449 8.12 4.12 -23.78
CA ARG A 449 7.15 5.17 -23.45
C ARG A 449 7.63 6.08 -22.31
N ASP A 450 8.85 5.84 -21.80
CA ASP A 450 9.41 6.57 -20.65
C ASP A 450 10.06 7.86 -21.12
N PRO A 451 9.67 9.02 -20.59
CA PRO A 451 10.27 10.28 -21.06
C PRO A 451 11.76 10.37 -20.85
N ARG A 452 12.32 9.63 -19.90
CA ARG A 452 13.74 9.73 -19.60
C ARG A 452 14.59 8.95 -20.59
N THR A 453 13.99 8.12 -21.44
CA THR A 453 14.76 7.37 -22.41
C THR A 453 15.27 8.29 -23.51
N LYS A 454 16.57 8.21 -23.78
CA LYS A 454 17.19 8.94 -24.88
C LYS A 454 17.48 8.07 -26.09
N SER A 455 17.56 6.74 -25.91
CA SER A 455 17.87 5.86 -27.02
C SER A 455 17.39 4.46 -26.66
N TYR A 456 17.32 3.60 -27.68
CA TYR A 456 16.98 2.21 -27.44
C TYR A 456 18.14 1.47 -26.77
N GLU A 457 19.37 1.79 -27.16
CA GLU A 457 20.52 1.12 -26.56
C GLU A 457 20.59 1.39 -25.06
N GLN A 458 20.18 2.58 -24.64
CA GLN A 458 20.09 2.86 -23.20
C GLN A 458 19.15 1.88 -22.52
N ILE A 459 18.00 1.59 -23.13
CA ILE A 459 17.03 0.71 -22.52
C ILE A 459 17.62 -0.69 -22.33
N VAL A 460 18.29 -1.20 -23.37
CA VAL A 460 18.83 -2.54 -23.32
C VAL A 460 19.88 -2.67 -22.22
N GLN A 461 20.69 -1.62 -22.04
CA GLN A 461 21.81 -1.70 -21.10
C GLN A 461 21.34 -1.57 -19.66
N VAL A 462 20.35 -0.72 -19.38
CA VAL A 462 19.87 -0.59 -18.01
C VAL A 462 19.20 -1.87 -17.56
N LEU A 463 18.41 -2.49 -18.45
CA LEU A 463 17.76 -3.75 -18.11
C LEU A 463 18.79 -4.87 -17.95
N ASP A 464 19.78 -4.93 -18.84
CA ASP A 464 20.83 -5.94 -18.72
C ASP A 464 21.50 -5.88 -17.35
N GLU A 465 21.91 -4.69 -16.92
CA GLU A 465 22.59 -4.58 -15.63
C GLU A 465 21.66 -4.96 -14.49
N ILE A 466 20.40 -4.51 -14.54
CA ILE A 466 19.42 -4.91 -13.52
C ILE A 466 19.28 -6.42 -13.50
N PHE A 467 19.07 -7.03 -14.68
CA PHE A 467 18.91 -8.48 -14.75
C PHE A 467 20.17 -9.20 -14.30
N ASN A 468 21.33 -8.58 -14.45
CA ASN A 468 22.60 -9.21 -14.12
C ASN A 468 22.96 -9.10 -12.65
N LEU A 469 22.21 -8.33 -11.87
CA LEU A 469 22.49 -8.26 -10.44
C LEU A 469 22.41 -9.66 -9.84
N PRO A 470 23.26 -9.99 -8.85
CA PRO A 470 23.31 -11.38 -8.38
C PRO A 470 21.99 -11.85 -7.77
N PHE A 471 21.24 -10.97 -7.12
CA PHE A 471 20.00 -11.35 -6.47
C PHE A 471 18.81 -11.37 -7.41
N ASN A 472 19.04 -11.26 -8.73
CA ASN A 472 17.97 -11.31 -9.72
C ASN A 472 18.10 -12.53 -10.63
N GLU A 473 18.74 -13.59 -10.14
CA GLU A 473 18.87 -14.80 -10.93
C GLU A 473 17.51 -15.33 -11.37
N GLU A 474 16.56 -15.45 -10.43
CA GLU A 474 15.23 -15.92 -10.76
C GLU A 474 14.58 -15.04 -11.82
N LEU A 475 14.65 -13.72 -11.63
CA LEU A 475 14.10 -12.80 -12.62
C LEU A 475 14.74 -12.98 -13.98
N ARG A 476 16.06 -13.17 -14.00
CA ARG A 476 16.77 -13.37 -15.26
C ARG A 476 16.29 -14.64 -15.97
N ARG A 477 16.28 -15.76 -15.25
CA ARG A 477 15.80 -17.00 -15.84
C ARG A 477 14.35 -16.88 -16.28
N TYR A 478 13.53 -16.14 -15.52
CA TYR A 478 12.12 -16.00 -15.87
C TYR A 478 11.95 -15.40 -17.25
N TYR A 479 12.75 -14.38 -17.59
CA TYR A 479 12.63 -13.66 -18.85
C TYR A 479 13.59 -14.15 -19.92
N LYS A 480 14.18 -15.32 -19.74
CA LYS A 480 15.11 -15.85 -20.74
C LYS A 480 14.34 -16.50 -21.88
#